data_3NDP
#
_entry.id   3NDP
#
_cell.length_a   77.790
_cell.length_b   77.790
_cell.length_c   144.640
_cell.angle_alpha   90.00
_cell.angle_beta   90.00
_cell.angle_gamma   90.00
#
_symmetry.space_group_name_H-M   'P 41 21 2'
#
loop_
_entity.id
_entity.type
_entity.pdbx_description
1 polymer 'Adenylate kinase isoenzyme 4'
2 non-polymer 'SULFATE ION'
3 water water
#
_entity_poly.entity_id   1
_entity_poly.type   'polypeptide(L)'
_entity_poly.pdbx_seq_one_letter_code
;MASKLLRAVILGPPGSGKGTVCQRIAQNFGLQHLSSGHFLRENIKASTEVGEMAKQYIEKSLLVPDHVITRLMMSELENR
RGQHWLLDGFPRTLGQAEALDKICEVDLVISLNIPFETLKDRLSRRWIHPPSGRVYNLDFNPPHVHGIDDVTGEPLVQQE
DDKPEAVAARPRQYKDVAKPVIELYKSRGVLHQFSGTETNKIWPYVYTLFSNKITPIQSKEAYLEHHHHHH
;
_entity_poly.pdbx_strand_id   A,B
#
loop_
_chem_comp.id
_chem_comp.type
_chem_comp.name
_chem_comp.formula
SO4 non-polymer 'SULFATE ION' 'O4 S -2'
#
# COMPACT_ATOMS: atom_id res chain seq x y z
N LEU A 5 10.31 31.79 7.35
CA LEU A 5 9.76 30.49 6.87
C LEU A 5 10.11 29.32 7.78
N LEU A 6 9.21 28.35 7.82
CA LEU A 6 9.38 27.16 8.63
C LEU A 6 10.50 26.26 8.12
N ARG A 7 11.29 25.75 9.06
CA ARG A 7 12.36 24.79 8.78
C ARG A 7 12.09 23.67 9.77
N ALA A 8 11.52 22.59 9.25
CA ALA A 8 11.17 21.44 10.08
C ALA A 8 11.90 20.19 9.61
N VAL A 9 12.35 19.37 10.56
CA VAL A 9 13.06 18.14 10.26
C VAL A 9 12.36 16.95 10.91
N ILE A 10 12.31 15.83 10.18
CA ILE A 10 11.69 14.60 10.67
C ILE A 10 12.76 13.53 10.53
N LEU A 11 13.09 12.87 11.62
CA LEU A 11 14.11 11.84 11.63
C LEU A 11 13.55 10.53 12.16
N GLY A 12 14.19 9.42 11.78
CA GLY A 12 13.75 8.12 12.23
C GLY A 12 14.27 7.00 11.37
N PRO A 13 14.46 5.80 11.95
CA PRO A 13 14.95 4.65 11.20
C PRO A 13 13.81 4.05 10.37
N PRO A 14 14.14 3.24 9.35
CA PRO A 14 13.10 2.62 8.52
C PRO A 14 12.19 1.82 9.45
N GLY A 15 10.88 1.84 9.15
CA GLY A 15 9.93 1.13 9.99
C GLY A 15 9.36 1.97 11.12
N SER A 16 9.83 3.21 11.24
CA SER A 16 9.34 4.09 12.31
C SER A 16 8.11 4.90 11.91
N GLY A 17 7.63 4.71 10.69
CA GLY A 17 6.46 5.43 10.21
C GLY A 17 6.75 6.84 9.72
N LYS A 18 8.02 7.14 9.43
CA LYS A 18 8.38 8.47 8.98
C LYS A 18 7.71 8.79 7.65
N GLY A 19 7.61 7.77 6.78
CA GLY A 19 6.98 7.99 5.50
C GLY A 19 5.54 8.45 5.66
N THR A 20 4.77 7.73 6.48
CA THR A 20 3.39 8.07 6.71
C THR A 20 3.26 9.48 7.29
N VAL A 21 4.13 9.79 8.23
CA VAL A 21 4.09 11.11 8.87
C VAL A 21 4.38 12.26 7.89
N CYS A 22 5.41 12.10 7.06
CA CYS A 22 5.76 13.14 6.11
C CYS A 22 4.67 13.37 5.10
N GLN A 23 4.06 12.29 4.63
CA GLN A 23 2.98 12.42 3.66
C GLN A 23 1.82 13.21 4.29
N ARG A 24 1.43 12.84 5.51
CA ARG A 24 0.35 13.52 6.21
C ARG A 24 0.66 14.99 6.45
N ILE A 25 1.91 15.30 6.78
CA ILE A 25 2.30 16.68 7.01
C ILE A 25 2.18 17.49 5.71
N ALA A 26 2.65 16.91 4.62
CA ALA A 26 2.60 17.55 3.31
C ALA A 26 1.17 17.86 2.89
N GLN A 27 0.28 16.88 3.05
CA GLN A 27 -1.10 17.09 2.63
C GLN A 27 -1.91 18.03 3.52
N ASN A 28 -1.66 18.03 4.82
CA ASN A 28 -2.40 18.92 5.71
C ASN A 28 -1.81 20.32 5.84
N PHE A 29 -0.53 20.46 5.56
CA PHE A 29 0.11 21.77 5.71
C PHE A 29 0.70 22.35 4.42
N GLY A 30 0.50 21.63 3.31
CA GLY A 30 0.98 22.08 2.01
C GLY A 30 2.47 22.35 1.90
N LEU A 31 3.26 21.49 2.55
CA LEU A 31 4.71 21.62 2.53
C LEU A 31 5.28 20.59 1.56
N GLN A 32 6.35 20.98 0.88
CA GLN A 32 7.01 20.10 -0.07
C GLN A 32 7.83 19.08 0.72
N HIS A 33 7.65 17.81 0.38
CA HIS A 33 8.37 16.71 1.03
C HIS A 33 9.79 16.68 0.50
N LEU A 34 10.75 17.14 1.29
CA LEU A 34 12.13 17.13 0.83
C LEU A 34 12.95 16.03 1.52
N SER A 35 13.94 15.50 0.80
CA SER A 35 14.83 14.48 1.35
C SER A 35 15.99 14.30 0.38
N SER A 36 17.09 13.73 0.83
CA SER A 36 18.23 13.52 -0.06
C SER A 36 17.83 12.50 -1.12
N GLY A 37 16.93 11.59 -0.76
CA GLY A 37 16.44 10.61 -1.72
C GLY A 37 15.73 11.28 -2.88
N HIS A 38 14.86 12.25 -2.59
CA HIS A 38 14.13 12.99 -3.62
C HIS A 38 15.07 13.79 -4.53
N PHE A 39 15.98 14.53 -3.91
CA PHE A 39 16.96 15.34 -4.64
C PHE A 39 17.87 14.48 -5.48
N LEU A 40 18.25 13.32 -4.96
CA LEU A 40 19.11 12.42 -5.70
C LEU A 40 18.41 11.89 -6.94
N ARG A 41 17.16 11.46 -6.78
CA ARG A 41 16.37 10.94 -7.89
C ARG A 41 16.45 11.94 -9.02
N GLU A 42 16.25 13.22 -8.70
CA GLU A 42 16.33 14.29 -9.69
C GLU A 42 17.74 14.41 -10.26
N ASN A 43 18.72 14.58 -9.38
CA ASN A 43 20.11 14.73 -9.81
C ASN A 43 20.61 13.57 -10.65
N ILE A 44 20.27 12.34 -10.25
CA ILE A 44 20.71 11.17 -11.01
C ILE A 44 19.99 11.13 -12.36
N LYS A 45 18.76 11.59 -12.38
CA LYS A 45 17.96 11.63 -13.61
C LYS A 45 18.59 12.65 -14.57
N ALA A 46 19.04 13.79 -14.05
CA ALA A 46 19.65 14.84 -14.87
C ALA A 46 21.15 14.64 -15.08
N SER A 47 21.73 13.70 -14.35
CA SER A 47 23.14 13.41 -14.46
C SER A 47 24.02 14.62 -14.13
N THR A 48 23.88 15.12 -12.91
CA THR A 48 24.68 16.24 -12.44
C THR A 48 25.96 15.65 -11.85
N GLU A 49 26.94 16.49 -11.57
CA GLU A 49 28.19 16.02 -11.00
C GLU A 49 27.94 15.29 -9.69
N VAL A 50 27.03 15.83 -8.88
CA VAL A 50 26.71 15.22 -7.61
C VAL A 50 26.00 13.90 -7.79
N GLY A 51 25.06 13.86 -8.73
CA GLY A 51 24.35 12.62 -8.98
C GLY A 51 25.33 11.53 -9.38
N GLU A 52 26.29 11.91 -10.22
CA GLU A 52 27.30 10.97 -10.68
C GLU A 52 28.11 10.43 -9.52
N MET A 53 28.64 11.33 -8.68
CA MET A 53 29.43 10.92 -7.52
C MET A 53 28.68 9.87 -6.71
N ALA A 54 27.36 10.05 -6.60
CA ALA A 54 26.53 9.13 -5.83
C ALA A 54 26.15 7.88 -6.61
N LYS A 55 26.05 8.00 -7.93
CA LYS A 55 25.67 6.86 -8.77
C LYS A 55 26.54 5.64 -8.48
N GLN A 56 27.84 5.87 -8.42
CA GLN A 56 28.80 4.80 -8.17
C GLN A 56 28.49 3.93 -6.95
N TYR A 57 28.12 4.52 -5.83
CA TYR A 57 27.82 3.75 -4.63
C TYR A 57 26.49 3.02 -4.77
N ILE A 58 25.52 3.73 -5.33
CA ILE A 58 24.18 3.21 -5.54
C ILE A 58 24.15 1.94 -6.39
N GLU A 59 24.90 1.93 -7.48
CA GLU A 59 24.93 0.78 -8.35
C GLU A 59 25.37 -0.48 -7.62
N LYS A 60 26.32 -0.34 -6.70
CA LYS A 60 26.79 -1.49 -5.95
C LYS A 60 25.96 -1.69 -4.69
N SER A 61 24.86 -0.97 -4.59
CA SER A 61 24.02 -1.05 -3.42
C SER A 61 24.91 -0.83 -2.21
N LEU A 62 25.61 0.30 -2.21
CA LEU A 62 26.50 0.69 -1.11
C LEU A 62 26.05 2.06 -0.61
N LEU A 63 26.58 2.49 0.53
CA LEU A 63 26.19 3.77 1.12
C LEU A 63 26.87 5.00 0.52
N VAL A 64 26.10 6.06 0.34
CA VAL A 64 26.63 7.30 -0.20
C VAL A 64 27.31 8.01 0.96
N PRO A 65 28.56 8.44 0.78
CA PRO A 65 29.33 9.15 1.82
C PRO A 65 28.52 10.32 2.35
N ASP A 66 28.60 10.55 3.65
CA ASP A 66 27.85 11.65 4.23
C ASP A 66 28.17 13.00 3.58
N HIS A 67 29.44 13.26 3.23
CA HIS A 67 29.77 14.54 2.62
C HIS A 67 29.13 14.77 1.24
N VAL A 68 29.03 13.71 0.44
CA VAL A 68 28.40 13.84 -0.88
C VAL A 68 26.95 14.33 -0.67
N ILE A 69 26.24 13.66 0.23
CA ILE A 69 24.86 14.02 0.54
C ILE A 69 24.81 15.48 1.02
N THR A 70 25.75 15.86 1.87
CA THR A 70 25.80 17.23 2.38
C THR A 70 25.90 18.26 1.25
N ARG A 71 26.84 18.03 0.33
CA ARG A 71 27.02 18.94 -0.80
C ARG A 71 25.68 19.06 -1.53
N LEU A 72 25.06 17.92 -1.78
CA LEU A 72 23.79 17.85 -2.48
C LEU A 72 22.71 18.68 -1.79
N MET A 73 22.56 18.45 -0.48
CA MET A 73 21.57 19.15 0.31
C MET A 73 21.82 20.65 0.40
N MET A 74 23.06 21.04 0.64
CA MET A 74 23.37 22.47 0.74
C MET A 74 23.11 23.18 -0.58
N SER A 75 23.40 22.53 -1.70
CA SER A 75 23.15 23.16 -3.00
C SER A 75 21.67 23.32 -3.21
N GLU A 76 20.93 22.24 -2.99
CA GLU A 76 19.48 22.25 -3.16
C GLU A 76 18.74 23.19 -2.22
N LEU A 77 19.07 23.17 -0.93
CA LEU A 77 18.37 24.02 0.01
C LEU A 77 18.67 25.51 -0.21
N GLU A 78 19.90 25.83 -0.54
CA GLU A 78 20.27 27.21 -0.78
C GLU A 78 19.45 27.77 -1.91
N ASN A 79 19.04 26.90 -2.83
CA ASN A 79 18.22 27.33 -3.94
C ASN A 79 16.73 27.27 -3.58
N ARG A 80 16.43 27.10 -2.30
CA ARG A 80 15.03 27.03 -1.86
C ARG A 80 14.80 27.83 -0.58
N ARG A 81 15.60 28.86 -0.38
CA ARG A 81 15.47 29.68 0.82
C ARG A 81 14.12 30.38 0.89
N GLY A 82 13.53 30.65 -0.27
CA GLY A 82 12.26 31.33 -0.30
C GLY A 82 11.03 30.48 -0.02
N GLN A 83 11.21 29.27 0.52
CA GLN A 83 10.05 28.44 0.80
C GLN A 83 10.19 27.65 2.10
N HIS A 84 9.06 27.23 2.65
CA HIS A 84 9.04 26.45 3.89
C HIS A 84 9.71 25.09 3.64
N TRP A 85 10.42 24.57 4.64
CA TRP A 85 11.09 23.29 4.47
C TRP A 85 10.59 22.17 5.36
N LEU A 86 10.34 21.03 4.75
CA LEU A 86 9.95 19.83 5.47
C LEU A 86 11.08 18.87 5.08
N LEU A 87 12.08 18.76 5.95
CA LEU A 87 13.22 17.89 5.70
C LEU A 87 13.03 16.51 6.31
N ASP A 88 13.04 15.50 5.45
CA ASP A 88 12.86 14.13 5.89
C ASP A 88 14.19 13.36 5.85
N GLY A 89 14.60 12.84 6.99
CA GLY A 89 15.81 12.05 7.04
C GLY A 89 17.14 12.75 6.94
N PHE A 90 17.16 14.04 7.21
CA PHE A 90 18.41 14.82 7.16
C PHE A 90 18.29 15.96 8.18
N PRO A 91 19.38 16.25 8.92
CA PRO A 91 20.71 15.63 8.91
C PRO A 91 20.80 14.31 9.65
N ARG A 92 21.80 13.52 9.30
CA ARG A 92 22.02 12.23 9.94
C ARG A 92 23.30 12.24 10.77
N THR A 93 24.12 13.28 10.60
CA THR A 93 25.36 13.41 11.35
C THR A 93 25.51 14.84 11.88
N LEU A 94 26.33 15.00 12.91
CA LEU A 94 26.55 16.33 13.49
C LEU A 94 27.13 17.26 12.43
N GLY A 95 28.04 16.73 11.62
CA GLY A 95 28.62 17.52 10.56
C GLY A 95 27.53 18.07 9.66
N GLN A 96 26.55 17.23 9.33
CA GLN A 96 25.46 17.66 8.48
C GLN A 96 24.59 18.68 9.20
N ALA A 97 24.34 18.45 10.49
CA ALA A 97 23.52 19.37 11.26
C ALA A 97 24.17 20.75 11.33
N GLU A 98 25.48 20.76 11.58
CA GLU A 98 26.21 22.02 11.66
C GLU A 98 26.12 22.76 10.34
N ALA A 99 26.25 22.03 9.23
CA ALA A 99 26.16 22.66 7.91
C ALA A 99 24.76 23.26 7.72
N LEU A 100 23.74 22.54 8.17
CA LEU A 100 22.37 23.03 8.02
C LEU A 100 22.19 24.31 8.83
N ASP A 101 22.74 24.35 10.04
CA ASP A 101 22.62 25.54 10.88
C ASP A 101 23.22 26.76 10.23
N LYS A 102 24.16 26.56 9.32
CA LYS A 102 24.80 27.68 8.66
C LYS A 102 23.96 28.30 7.56
N ILE A 103 22.88 27.63 7.17
CA ILE A 103 22.02 28.19 6.14
C ILE A 103 20.58 28.42 6.59
N CYS A 104 20.30 28.10 7.84
CA CYS A 104 18.94 28.30 8.35
C CYS A 104 18.82 28.11 9.84
N GLU A 105 17.66 28.46 10.36
CA GLU A 105 17.36 28.28 11.76
C GLU A 105 16.32 27.17 11.80
N VAL A 106 16.70 26.01 12.33
CA VAL A 106 15.78 24.89 12.42
C VAL A 106 14.72 25.22 13.47
N ASP A 107 13.46 25.13 13.08
CA ASP A 107 12.34 25.43 13.98
C ASP A 107 11.84 24.27 14.79
N LEU A 108 11.80 23.08 14.21
CA LEU A 108 11.34 21.92 14.94
C LEU A 108 11.89 20.63 14.35
N VAL A 109 12.16 19.67 15.23
CA VAL A 109 12.72 18.39 14.85
C VAL A 109 11.89 17.26 15.47
N ILE A 110 11.26 16.45 14.63
CA ILE A 110 10.48 15.33 15.12
C ILE A 110 11.37 14.10 15.01
N SER A 111 11.48 13.34 16.09
CA SER A 111 12.30 12.14 16.12
C SER A 111 11.38 10.94 16.32
N LEU A 112 11.36 10.03 15.34
CA LEU A 112 10.50 8.85 15.44
C LEU A 112 11.23 7.57 15.80
N ASN A 113 10.48 6.60 16.30
CA ASN A 113 11.05 5.32 16.69
C ASN A 113 10.25 4.14 16.19
N ILE A 114 10.91 2.99 16.09
CA ILE A 114 10.25 1.78 15.62
C ILE A 114 9.52 1.08 16.76
N PRO A 115 8.22 0.78 16.58
CA PRO A 115 7.51 0.08 17.66
C PRO A 115 8.10 -1.34 17.77
N PHE A 116 8.00 -1.95 18.94
CA PHE A 116 8.59 -3.27 19.15
C PHE A 116 8.26 -4.39 18.16
N GLU A 117 6.98 -4.67 17.93
CA GLU A 117 6.61 -5.74 17.01
C GLU A 117 7.28 -5.61 15.65
N THR A 118 7.47 -4.38 15.20
CA THR A 118 8.07 -4.10 13.90
C THR A 118 9.57 -4.39 13.79
N LEU A 119 10.31 -4.25 14.89
CA LEU A 119 11.75 -4.50 14.88
C LEU A 119 12.10 -5.93 14.43
N LYS A 120 11.32 -6.91 14.88
CA LYS A 120 11.54 -8.31 14.55
C LYS A 120 11.71 -8.56 13.04
N ASP A 121 11.05 -7.75 12.24
CA ASP A 121 11.13 -7.90 10.79
C ASP A 121 12.25 -7.04 10.20
N ARG A 122 13.01 -6.38 11.07
CA ARG A 122 14.11 -5.49 10.65
C ARG A 122 13.85 -4.90 9.26
N LEU A 123 12.96 -3.91 9.19
CA LEU A 123 12.61 -3.30 7.91
C LEU A 123 13.71 -2.41 7.32
N SER A 124 13.76 -2.36 5.99
CA SER A 124 14.74 -1.55 5.27
C SER A 124 14.03 -0.36 4.62
N ARG A 125 14.78 0.45 3.88
CA ARG A 125 14.22 1.61 3.20
C ARG A 125 13.94 1.27 1.72
N ARG A 126 13.82 -0.02 1.44
CA ARG A 126 13.52 -0.51 0.08
C ARG A 126 12.07 -0.96 0.00
N TRP A 127 11.30 -0.35 -0.89
CA TRP A 127 9.90 -0.71 -1.08
C TRP A 127 9.73 -1.26 -2.48
N ILE A 128 9.26 -2.49 -2.56
CA ILE A 128 9.10 -3.12 -3.87
C ILE A 128 7.65 -3.32 -4.31
N HIS A 129 7.45 -3.24 -5.62
CA HIS A 129 6.15 -3.47 -6.24
C HIS A 129 6.28 -4.92 -6.75
N PRO A 130 5.82 -5.88 -5.95
CA PRO A 130 5.90 -7.31 -6.29
C PRO A 130 5.57 -7.72 -7.72
N PRO A 131 4.45 -7.23 -8.28
CA PRO A 131 4.07 -7.60 -9.65
C PRO A 131 5.12 -7.32 -10.73
N SER A 132 5.88 -6.24 -10.57
CA SER A 132 6.89 -5.89 -11.57
C SER A 132 8.32 -6.04 -11.08
N GLY A 133 8.55 -6.05 -9.78
CA GLY A 133 9.90 -6.17 -9.26
C GLY A 133 10.56 -4.80 -9.10
N ARG A 134 9.81 -3.74 -9.36
CA ARG A 134 10.36 -2.39 -9.21
C ARG A 134 10.66 -2.11 -7.75
N VAL A 135 11.88 -1.65 -7.50
CA VAL A 135 12.30 -1.35 -6.15
C VAL A 135 12.51 0.15 -5.99
N TYR A 136 11.89 0.72 -4.96
CA TYR A 136 12.03 2.15 -4.68
C TYR A 136 12.80 2.27 -3.37
N ASN A 137 14.05 2.69 -3.46
CA ASN A 137 14.87 2.86 -2.28
C ASN A 137 14.69 4.33 -1.88
N LEU A 138 14.13 4.58 -0.71
CA LEU A 138 13.87 5.95 -0.30
C LEU A 138 15.09 6.88 -0.22
N ASP A 139 16.30 6.31 -0.21
CA ASP A 139 17.49 7.15 -0.18
C ASP A 139 17.95 7.63 -1.55
N PHE A 140 17.40 7.07 -2.64
CA PHE A 140 17.79 7.60 -3.94
C PHE A 140 16.74 7.61 -5.04
N ASN A 141 15.64 6.87 -4.88
CA ASN A 141 14.55 6.89 -5.87
C ASN A 141 13.19 6.57 -5.26
N PRO A 142 12.72 7.44 -4.35
CA PRO A 142 11.42 7.24 -3.70
C PRO A 142 10.27 7.37 -4.69
N PRO A 143 9.12 6.76 -4.39
CA PRO A 143 7.93 6.82 -5.26
C PRO A 143 7.30 8.21 -5.16
N HIS A 144 6.45 8.57 -6.10
CA HIS A 144 5.81 9.87 -6.02
C HIS A 144 4.94 9.90 -4.76
N VAL A 145 4.19 8.83 -4.52
CA VAL A 145 3.34 8.72 -3.33
C VAL A 145 3.85 7.57 -2.46
N HIS A 146 4.14 7.87 -1.21
CA HIS A 146 4.66 6.89 -0.26
C HIS A 146 3.92 5.56 -0.26
N GLY A 147 4.70 4.46 -0.29
CA GLY A 147 4.12 3.13 -0.28
C GLY A 147 3.29 2.74 -1.50
N ILE A 148 3.38 3.55 -2.55
CA ILE A 148 2.61 3.30 -3.77
C ILE A 148 3.47 3.27 -5.03
N ASP A 149 3.19 2.33 -5.93
CA ASP A 149 3.90 2.18 -7.21
C ASP A 149 3.51 3.29 -8.18
N ASP A 150 4.50 4.05 -8.65
CA ASP A 150 4.22 5.15 -9.57
C ASP A 150 3.40 4.73 -10.78
N VAL A 151 3.83 3.64 -11.41
CA VAL A 151 3.22 3.13 -12.62
C VAL A 151 1.80 2.59 -12.55
N THR A 152 1.56 1.67 -11.63
CA THR A 152 0.27 1.03 -11.52
C THR A 152 -0.64 1.56 -10.43
N GLY A 153 -0.07 2.32 -9.49
CA GLY A 153 -0.87 2.82 -8.40
C GLY A 153 -1.13 1.71 -7.40
N GLU A 154 -0.52 0.54 -7.63
CA GLU A 154 -0.72 -0.58 -6.70
C GLU A 154 0.24 -0.43 -5.53
N PRO A 155 -0.15 -0.94 -4.35
CA PRO A 155 0.67 -0.86 -3.14
C PRO A 155 2.04 -1.53 -3.20
N LEU A 156 2.99 -0.97 -2.45
CA LEU A 156 4.35 -1.49 -2.37
C LEU A 156 4.49 -2.33 -1.11
N VAL A 157 5.60 -3.07 -1.01
CA VAL A 157 5.88 -3.89 0.15
C VAL A 157 7.27 -3.49 0.64
N GLN A 158 7.36 -3.07 1.90
CA GLN A 158 8.63 -2.67 2.47
C GLN A 158 9.44 -3.94 2.70
N GLN A 159 10.67 -3.98 2.19
CA GLN A 159 11.51 -5.15 2.32
C GLN A 159 12.35 -5.28 3.60
N GLU A 160 12.54 -6.53 4.01
CA GLU A 160 13.33 -6.84 5.19
C GLU A 160 14.81 -6.70 4.87
N ASP A 161 15.60 -6.39 5.89
CA ASP A 161 17.05 -6.24 5.76
C ASP A 161 17.44 -4.98 4.98
N LYS A 175 19.33 4.27 14.24
CA LYS A 175 20.10 3.88 13.06
C LYS A 175 20.64 5.12 12.35
N ASP A 176 19.79 5.76 11.54
CA ASP A 176 20.18 6.97 10.82
C ASP A 176 19.94 8.18 11.72
N VAL A 177 19.93 7.94 13.03
CA VAL A 177 19.70 8.99 14.01
C VAL A 177 20.87 9.02 15.00
N ALA A 178 21.95 9.70 14.64
CA ALA A 178 23.10 9.79 15.52
C ALA A 178 22.72 10.47 16.84
N LYS A 179 23.14 9.87 17.95
CA LYS A 179 22.84 10.40 19.27
C LYS A 179 23.21 11.89 19.38
N PRO A 180 24.42 12.27 18.94
CA PRO A 180 24.83 13.69 19.04
C PRO A 180 23.93 14.67 18.28
N VAL A 181 23.24 14.20 17.25
CA VAL A 181 22.34 15.08 16.51
C VAL A 181 21.10 15.32 17.36
N ILE A 182 20.66 14.28 18.06
CA ILE A 182 19.49 14.37 18.92
C ILE A 182 19.85 15.30 20.06
N GLU A 183 21.01 15.08 20.67
CA GLU A 183 21.46 15.92 21.77
C GLU A 183 21.51 17.38 21.34
N LEU A 184 22.09 17.62 20.17
CA LEU A 184 22.19 18.98 19.66
C LEU A 184 20.84 19.69 19.68
N TYR A 185 19.85 19.11 18.98
CA TYR A 185 18.51 19.69 18.92
C TYR A 185 17.78 19.66 20.25
N LYS A 186 18.09 18.67 21.08
CA LYS A 186 17.48 18.54 22.39
C LYS A 186 17.89 19.76 23.22
N SER A 187 19.14 20.19 23.02
CA SER A 187 19.68 21.35 23.73
C SER A 187 19.03 22.63 23.25
N ARG A 188 18.84 22.77 21.94
CA ARG A 188 18.20 23.95 21.39
C ARG A 188 16.76 23.96 21.86
N GLY A 189 16.31 22.83 22.37
CA GLY A 189 14.95 22.70 22.84
C GLY A 189 13.92 22.73 21.72
N VAL A 190 14.30 22.23 20.54
CA VAL A 190 13.38 22.20 19.40
C VAL A 190 13.03 20.77 19.05
N LEU A 191 13.56 19.83 19.83
CA LEU A 191 13.33 18.41 19.62
C LEU A 191 12.03 17.88 20.21
N HIS A 192 11.36 17.01 19.48
CA HIS A 192 10.12 16.40 19.94
C HIS A 192 10.21 14.93 19.57
N GLN A 193 10.48 14.10 20.56
CA GLN A 193 10.63 12.67 20.36
C GLN A 193 9.34 11.92 20.62
N PHE A 194 9.20 10.79 19.96
CA PHE A 194 8.04 9.96 20.16
C PHE A 194 8.44 8.51 20.24
N SER A 195 7.91 7.84 21.27
CA SER A 195 8.20 6.43 21.49
C SER A 195 7.60 5.62 20.35
N GLY A 196 8.25 4.50 20.03
CA GLY A 196 7.75 3.64 18.99
C GLY A 196 6.33 3.30 19.35
N THR A 197 5.38 3.63 18.49
CA THR A 197 3.99 3.35 18.76
C THR A 197 3.27 3.54 17.43
N GLU A 198 2.00 3.14 17.32
CA GLU A 198 1.27 3.32 16.07
C GLU A 198 1.27 4.79 15.73
N THR A 199 1.42 5.10 14.45
CA THR A 199 1.46 6.48 13.99
C THR A 199 0.24 7.34 14.34
N ASN A 200 -0.96 6.76 14.36
CA ASN A 200 -2.12 7.57 14.72
C ASN A 200 -2.01 8.14 16.13
N LYS A 201 -1.40 7.41 17.04
CA LYS A 201 -1.27 7.90 18.41
C LYS A 201 -0.41 9.16 18.44
N ILE A 202 0.60 9.20 17.59
CA ILE A 202 1.52 10.33 17.50
C ILE A 202 1.01 11.50 16.66
N TRP A 203 0.18 11.21 15.65
CA TRP A 203 -0.31 12.21 14.72
C TRP A 203 -0.90 13.51 15.26
N PRO A 204 -1.96 13.44 16.09
CA PRO A 204 -2.52 14.70 16.59
C PRO A 204 -1.48 15.62 17.26
N TYR A 205 -0.48 15.03 17.91
CA TYR A 205 0.57 15.79 18.57
C TYR A 205 1.43 16.49 17.52
N VAL A 206 1.72 15.77 16.45
CA VAL A 206 2.52 16.29 15.36
C VAL A 206 1.73 17.35 14.61
N TYR A 207 0.43 17.13 14.47
CA TYR A 207 -0.46 18.05 13.78
C TYR A 207 -0.47 19.39 14.53
N THR A 208 -0.57 19.32 15.85
CA THR A 208 -0.60 20.50 16.69
C THR A 208 0.71 21.26 16.56
N LEU A 209 1.83 20.54 16.58
CA LEU A 209 3.12 21.20 16.48
C LEU A 209 3.25 22.03 15.19
N PHE A 210 2.80 21.46 14.09
CA PHE A 210 2.88 22.16 12.82
C PHE A 210 1.83 23.25 12.74
N SER A 211 0.68 22.97 13.32
CA SER A 211 -0.43 23.91 13.33
C SER A 211 -0.05 25.24 14.02
N ASN A 212 0.80 25.16 15.04
CA ASN A 212 1.20 26.37 15.76
C ASN A 212 2.11 27.23 14.90
N LYS A 213 2.58 26.69 13.78
CA LYS A 213 3.46 27.47 12.91
C LYS A 213 2.94 27.67 11.49
N ILE A 214 2.15 26.72 10.99
CA ILE A 214 1.60 26.80 9.65
C ILE A 214 0.11 26.47 9.75
N THR A 215 -0.72 27.28 9.13
CA THR A 215 -2.16 27.04 9.19
C THR A 215 -2.60 25.87 8.32
N PRO A 216 -3.42 24.96 8.89
CA PRO A 216 -3.90 23.80 8.13
C PRO A 216 -4.49 24.35 6.84
N ILE A 217 -4.05 23.81 5.70
CA ILE A 217 -4.51 24.32 4.42
C ILE A 217 -5.96 24.11 4.05
N GLN A 218 -6.65 23.16 4.68
CA GLN A 218 -8.05 22.94 4.35
C GLN A 218 -9.01 23.89 5.09
N SER A 219 -8.46 24.70 6.00
CA SER A 219 -9.29 25.63 6.76
C SER A 219 -9.15 27.05 6.20
N LYS A 220 -8.31 27.21 5.18
CA LYS A 220 -8.07 28.53 4.59
C LYS A 220 -8.89 28.87 3.35
N GLU A 221 -8.95 30.16 3.04
CA GLU A 221 -9.65 30.64 1.87
C GLU A 221 -8.96 30.03 0.64
N ALA A 222 -7.64 30.01 0.68
CA ALA A 222 -6.82 29.40 -0.37
C ALA A 222 -6.86 27.90 -0.03
N TYR A 223 -8.04 27.32 -0.22
CA TYR A 223 -8.30 25.92 0.09
C TYR A 223 -7.35 24.92 -0.55
N LEU A 224 -6.64 24.18 0.31
CA LEU A 224 -5.71 23.13 -0.11
C LEU A 224 -4.52 23.63 -0.94
N GLU A 225 -4.34 24.94 -0.97
CA GLU A 225 -3.25 25.50 -1.75
C GLU A 225 -1.92 25.36 -1.01
N HIS A 226 -0.94 24.73 -1.66
CA HIS A 226 0.39 24.56 -1.05
C HIS A 226 1.09 25.91 -1.12
N HIS A 227 1.90 26.20 -0.11
CA HIS A 227 2.60 27.49 -0.04
C HIS A 227 3.43 27.85 -1.26
N HIS A 228 4.08 26.87 -1.85
CA HIS A 228 4.92 27.13 -3.02
C HIS A 228 4.11 27.17 -4.33
N HIS A 229 2.79 27.26 -4.23
CA HIS A 229 1.96 27.27 -5.43
C HIS A 229 1.77 28.63 -6.06
N HIS A 230 1.86 28.64 -7.38
CA HIS A 230 1.70 29.84 -8.21
C HIS A 230 0.82 29.46 -9.40
N HIS A 231 -0.32 30.12 -9.57
CA HIS A 231 -1.19 29.84 -10.70
C HIS A 231 -0.81 30.72 -11.88
N LYS B 4 -24.82 -15.77 -23.28
CA LYS B 4 -24.10 -16.61 -22.28
C LYS B 4 -23.33 -15.79 -21.27
N LEU B 5 -23.67 -15.95 -19.99
CA LEU B 5 -23.01 -15.21 -18.92
C LEU B 5 -21.72 -15.87 -18.45
N LEU B 6 -20.79 -15.04 -18.03
CA LEU B 6 -19.51 -15.57 -17.57
C LEU B 6 -19.53 -15.98 -16.11
N ARG B 7 -18.94 -17.14 -15.85
CA ARG B 7 -18.78 -17.66 -14.49
C ARG B 7 -17.29 -17.99 -14.45
N ALA B 8 -16.53 -17.14 -13.78
CA ALA B 8 -15.08 -17.31 -13.68
C ALA B 8 -14.64 -17.42 -12.21
N VAL B 9 -13.70 -18.32 -11.95
CA VAL B 9 -13.19 -18.52 -10.59
C VAL B 9 -11.68 -18.32 -10.55
N ILE B 10 -11.21 -17.71 -9.48
CA ILE B 10 -9.78 -17.46 -9.28
C ILE B 10 -9.45 -18.05 -7.92
N LEU B 11 -8.49 -18.95 -7.89
CA LEU B 11 -8.10 -19.61 -6.66
C LEU B 11 -6.62 -19.42 -6.40
N GLY B 12 -6.23 -19.56 -5.14
CA GLY B 12 -4.83 -19.42 -4.79
C GLY B 12 -4.63 -19.13 -3.31
N PRO B 13 -3.49 -19.58 -2.74
CA PRO B 13 -3.21 -19.34 -1.33
C PRO B 13 -2.75 -17.88 -1.14
N PRO B 14 -2.80 -17.38 0.10
CA PRO B 14 -2.38 -15.99 0.38
C PRO B 14 -0.95 -15.83 -0.09
N GLY B 15 -0.63 -14.69 -0.69
CA GLY B 15 0.73 -14.46 -1.16
C GLY B 15 0.91 -14.83 -2.63
N SER B 16 -0.14 -15.37 -3.24
CA SER B 16 -0.07 -15.79 -4.65
C SER B 16 -0.46 -14.69 -5.63
N GLY B 17 -0.77 -13.51 -5.11
CA GLY B 17 -1.15 -12.38 -5.97
C GLY B 17 -2.58 -12.40 -6.45
N LYS B 18 -3.43 -13.18 -5.79
CA LYS B 18 -4.82 -13.29 -6.21
C LYS B 18 -5.52 -11.94 -6.07
N GLY B 19 -5.18 -11.20 -5.03
CA GLY B 19 -5.77 -9.90 -4.82
C GLY B 19 -5.49 -8.94 -5.98
N THR B 20 -4.23 -8.86 -6.37
CA THR B 20 -3.83 -7.99 -7.48
C THR B 20 -4.52 -8.42 -8.78
N VAL B 21 -4.61 -9.72 -9.01
CA VAL B 21 -5.25 -10.23 -10.22
C VAL B 21 -6.73 -9.92 -10.28
N CYS B 22 -7.44 -10.13 -9.18
CA CYS B 22 -8.87 -9.88 -9.14
C CYS B 22 -9.18 -8.41 -9.35
N GLN B 23 -8.37 -7.54 -8.74
CA GLN B 23 -8.62 -6.12 -8.91
C GLN B 23 -8.43 -5.73 -10.38
N ARG B 24 -7.36 -6.22 -11.00
CA ARG B 24 -7.10 -5.91 -12.40
C ARG B 24 -8.20 -6.44 -13.30
N ILE B 25 -8.72 -7.62 -12.99
CA ILE B 25 -9.80 -8.18 -13.80
C ILE B 25 -11.05 -7.30 -13.69
N ALA B 26 -11.37 -6.90 -12.48
CA ALA B 26 -12.54 -6.07 -12.22
C ALA B 26 -12.47 -4.76 -13.00
N GLN B 27 -11.30 -4.10 -12.93
CA GLN B 27 -11.16 -2.82 -13.59
C GLN B 27 -11.08 -2.88 -15.11
N ASN B 28 -10.49 -3.92 -15.67
CA ASN B 28 -10.41 -4.02 -17.13
C ASN B 28 -11.62 -4.70 -17.78
N PHE B 29 -12.37 -5.46 -17.01
CA PHE B 29 -13.52 -6.16 -17.58
C PHE B 29 -14.86 -5.83 -16.96
N GLY B 30 -14.86 -4.89 -16.01
CA GLY B 30 -16.08 -4.44 -15.37
C GLY B 30 -16.88 -5.52 -14.66
N LEU B 31 -16.18 -6.45 -14.03
CA LEU B 31 -16.82 -7.54 -13.29
C LEU B 31 -16.79 -7.23 -11.81
N GLN B 32 -17.84 -7.61 -11.11
CA GLN B 32 -17.93 -7.40 -9.68
C GLN B 32 -17.04 -8.44 -9.00
N HIS B 33 -16.19 -7.98 -8.08
CA HIS B 33 -15.29 -8.85 -7.36
C HIS B 33 -16.10 -9.55 -6.27
N LEU B 34 -16.39 -10.83 -6.45
CA LEU B 34 -17.15 -11.56 -5.44
C LEU B 34 -16.26 -12.52 -4.66
N SER B 35 -16.60 -12.75 -3.39
CA SER B 35 -15.86 -13.67 -2.53
C SER B 35 -16.68 -13.87 -1.27
N SER B 36 -16.42 -14.95 -0.54
CA SER B 36 -17.17 -15.18 0.69
C SER B 36 -16.81 -14.08 1.68
N GLY B 37 -15.60 -13.55 1.59
CA GLY B 37 -15.18 -12.47 2.48
C GLY B 37 -16.06 -11.24 2.28
N HIS B 38 -16.29 -10.86 1.02
CA HIS B 38 -17.13 -9.71 0.69
C HIS B 38 -18.58 -9.90 1.15
N PHE B 39 -19.15 -11.07 0.85
CA PHE B 39 -20.51 -11.36 1.25
C PHE B 39 -20.64 -11.41 2.77
N LEU B 40 -19.63 -11.95 3.43
CA LEU B 40 -19.67 -12.02 4.89
C LEU B 40 -19.71 -10.64 5.49
N ARG B 41 -18.81 -9.77 5.00
CA ARG B 41 -18.73 -8.41 5.48
C ARG B 41 -20.08 -7.72 5.41
N GLU B 42 -20.66 -7.70 4.21
CA GLU B 42 -21.96 -7.06 3.94
C GLU B 42 -23.13 -7.66 4.74
N ASN B 43 -23.21 -8.98 4.79
CA ASN B 43 -24.26 -9.66 5.56
C ASN B 43 -24.11 -9.35 7.04
N ILE B 44 -22.90 -8.99 7.45
CA ILE B 44 -22.65 -8.64 8.84
C ILE B 44 -23.00 -7.18 9.05
N LYS B 45 -22.93 -6.40 7.98
CA LYS B 45 -23.29 -4.97 8.05
C LYS B 45 -24.80 -4.85 8.20
N ALA B 46 -25.54 -5.61 7.39
CA ALA B 46 -27.00 -5.59 7.40
C ALA B 46 -27.54 -6.51 8.49
N SER B 47 -26.65 -6.98 9.35
CA SER B 47 -27.02 -7.89 10.43
C SER B 47 -28.02 -8.96 10.01
N THR B 48 -27.77 -9.61 8.87
CA THR B 48 -28.65 -10.68 8.38
C THR B 48 -28.53 -11.89 9.31
N GLU B 49 -29.31 -12.92 9.01
CA GLU B 49 -29.30 -14.13 9.80
C GLU B 49 -27.95 -14.84 9.69
N VAL B 50 -27.52 -15.11 8.46
CA VAL B 50 -26.24 -15.77 8.24
C VAL B 50 -25.12 -14.87 8.73
N GLY B 51 -25.27 -13.57 8.48
CA GLY B 51 -24.27 -12.61 8.91
C GLY B 51 -23.97 -12.72 10.40
N GLU B 52 -25.02 -12.72 11.20
CA GLU B 52 -24.87 -12.82 12.64
C GLU B 52 -24.26 -14.16 13.04
N MET B 53 -24.57 -15.21 12.28
CA MET B 53 -24.01 -16.51 12.61
C MET B 53 -22.52 -16.53 12.34
N ALA B 54 -22.12 -15.89 11.24
CA ALA B 54 -20.72 -15.83 10.88
C ALA B 54 -20.01 -14.87 11.82
N LYS B 55 -20.75 -13.85 12.26
CA LYS B 55 -20.19 -12.85 13.17
C LYS B 55 -19.61 -13.49 14.43
N GLN B 56 -20.30 -14.48 14.96
CA GLN B 56 -19.88 -15.21 16.15
C GLN B 56 -18.42 -15.66 16.10
N TYR B 57 -18.00 -16.17 14.95
CA TYR B 57 -16.63 -16.65 14.79
C TYR B 57 -15.67 -15.50 14.51
N ILE B 58 -16.06 -14.66 13.56
CA ILE B 58 -15.26 -13.50 13.15
C ILE B 58 -14.74 -12.63 14.28
N GLU B 59 -15.58 -12.38 15.29
CA GLU B 59 -15.18 -11.54 16.43
C GLU B 59 -13.96 -12.07 17.15
N LYS B 60 -13.93 -13.39 17.38
CA LYS B 60 -12.83 -14.04 18.06
C LYS B 60 -11.80 -14.50 17.03
N SER B 61 -11.90 -13.93 15.83
CA SER B 61 -11.00 -14.27 14.72
C SER B 61 -10.95 -15.78 14.49
N LEU B 62 -12.11 -16.42 14.60
CA LEU B 62 -12.21 -17.85 14.41
C LEU B 62 -12.64 -18.15 12.99
N LEU B 63 -12.53 -19.41 12.59
CA LEU B 63 -12.89 -19.78 11.22
C LEU B 63 -14.36 -20.06 11.06
N VAL B 64 -14.94 -19.53 10.00
CA VAL B 64 -16.34 -19.73 9.71
C VAL B 64 -16.52 -21.13 9.14
N PRO B 65 -17.42 -21.91 9.74
CA PRO B 65 -17.70 -23.27 9.30
C PRO B 65 -17.91 -23.32 7.79
N ASP B 66 -17.38 -24.36 7.15
CA ASP B 66 -17.52 -24.49 5.71
C ASP B 66 -18.97 -24.60 5.28
N HIS B 67 -19.77 -25.39 5.99
CA HIS B 67 -21.17 -25.52 5.59
C HIS B 67 -21.84 -24.16 5.59
N VAL B 68 -21.36 -23.26 6.45
CA VAL B 68 -21.92 -21.91 6.52
C VAL B 68 -21.46 -21.07 5.32
N ILE B 69 -20.22 -21.29 4.86
CA ILE B 69 -19.75 -20.54 3.71
C ILE B 69 -20.57 -20.97 2.48
N THR B 70 -20.75 -22.27 2.30
CA THR B 70 -21.51 -22.79 1.16
C THR B 70 -22.93 -22.23 1.15
N ARG B 71 -23.61 -22.29 2.29
CA ARG B 71 -24.97 -21.78 2.40
C ARG B 71 -24.98 -20.31 1.98
N LEU B 72 -24.01 -19.56 2.52
CA LEU B 72 -23.85 -18.14 2.23
C LEU B 72 -23.70 -17.89 0.72
N MET B 73 -22.77 -18.60 0.12
CA MET B 73 -22.49 -18.45 -1.32
C MET B 73 -23.68 -18.84 -2.20
N MET B 74 -24.30 -19.98 -1.91
CA MET B 74 -25.43 -20.41 -2.71
C MET B 74 -26.59 -19.42 -2.61
N SER B 75 -26.81 -18.86 -1.44
CA SER B 75 -27.88 -17.87 -1.29
C SER B 75 -27.56 -16.62 -2.10
N GLU B 76 -26.34 -16.11 -1.92
CA GLU B 76 -25.90 -14.90 -2.61
C GLU B 76 -25.83 -15.06 -4.14
N LEU B 77 -25.24 -16.14 -4.62
CA LEU B 77 -25.11 -16.33 -6.06
C LEU B 77 -26.47 -16.53 -6.74
N GLU B 78 -27.36 -17.29 -6.10
CA GLU B 78 -28.68 -17.53 -6.67
C GLU B 78 -29.39 -16.20 -6.89
N ASN B 79 -29.09 -15.24 -6.04
CA ASN B 79 -29.71 -13.92 -6.18
C ASN B 79 -28.90 -13.04 -7.14
N ARG B 80 -27.97 -13.65 -7.88
CA ARG B 80 -27.14 -12.90 -8.81
C ARG B 80 -26.98 -13.62 -10.15
N ARG B 81 -27.93 -14.48 -10.48
CA ARG B 81 -27.87 -15.24 -11.73
C ARG B 81 -27.88 -14.34 -12.96
N GLY B 82 -28.47 -13.16 -12.84
CA GLY B 82 -28.53 -12.26 -13.97
C GLY B 82 -27.29 -11.43 -14.24
N GLN B 83 -26.15 -11.80 -13.66
CA GLN B 83 -24.92 -11.03 -13.88
C GLN B 83 -23.69 -11.91 -13.99
N HIS B 84 -22.65 -11.40 -14.64
CA HIS B 84 -21.39 -12.13 -14.80
C HIS B 84 -20.77 -12.34 -13.42
N TRP B 85 -20.09 -13.47 -13.24
CA TRP B 85 -19.47 -13.75 -11.95
C TRP B 85 -17.95 -13.85 -11.99
N LEU B 86 -17.31 -13.14 -11.07
CA LEU B 86 -15.87 -13.23 -10.89
C LEU B 86 -15.78 -13.72 -9.44
N LEU B 87 -15.59 -15.02 -9.27
CA LEU B 87 -15.50 -15.62 -7.94
C LEU B 87 -14.07 -15.74 -7.49
N ASP B 88 -13.77 -15.13 -6.35
CA ASP B 88 -12.44 -15.15 -5.78
C ASP B 88 -12.38 -16.05 -4.55
N GLY B 89 -11.50 -17.05 -4.59
CA GLY B 89 -11.34 -17.93 -3.45
C GLY B 89 -12.44 -18.91 -3.10
N PHE B 90 -13.28 -19.23 -4.07
CA PHE B 90 -14.36 -20.20 -3.88
C PHE B 90 -14.65 -20.87 -5.21
N PRO B 91 -14.88 -22.20 -5.21
CA PRO B 91 -14.91 -23.14 -4.08
C PRO B 91 -13.54 -23.56 -3.56
N ARG B 92 -13.51 -24.01 -2.30
CA ARG B 92 -12.28 -24.48 -1.69
C ARG B 92 -12.32 -25.99 -1.43
N THR B 93 -13.50 -26.59 -1.54
CA THR B 93 -13.67 -28.02 -1.36
C THR B 93 -14.53 -28.60 -2.47
N LEU B 94 -14.41 -29.91 -2.70
CA LEU B 94 -15.17 -30.58 -3.75
C LEU B 94 -16.65 -30.39 -3.48
N GLY B 95 -17.02 -30.49 -2.20
CA GLY B 95 -18.40 -30.31 -1.84
C GLY B 95 -18.91 -28.97 -2.31
N GLN B 96 -18.09 -27.93 -2.15
CA GLN B 96 -18.46 -26.59 -2.56
C GLN B 96 -18.50 -26.50 -4.08
N ALA B 97 -17.57 -27.16 -4.75
CA ALA B 97 -17.52 -27.14 -6.20
C ALA B 97 -18.77 -27.80 -6.78
N GLU B 98 -19.15 -28.94 -6.21
CA GLU B 98 -20.32 -29.65 -6.67
C GLU B 98 -21.57 -28.79 -6.49
N ALA B 99 -21.64 -28.10 -5.36
CA ALA B 99 -22.78 -27.22 -5.10
C ALA B 99 -22.85 -26.11 -6.16
N LEU B 100 -21.68 -25.53 -6.48
CA LEU B 100 -21.60 -24.48 -7.48
C LEU B 100 -22.07 -24.98 -8.85
N ASP B 101 -21.65 -26.20 -9.20
CA ASP B 101 -22.05 -26.79 -10.48
C ASP B 101 -23.56 -26.93 -10.60
N LYS B 102 -24.26 -27.02 -9.48
CA LYS B 102 -25.71 -27.17 -9.52
C LYS B 102 -26.45 -25.86 -9.78
N ILE B 103 -25.74 -24.73 -9.74
CA ILE B 103 -26.40 -23.45 -10.01
C ILE B 103 -25.78 -22.71 -11.18
N CYS B 104 -24.75 -23.28 -11.81
CA CYS B 104 -24.13 -22.61 -12.94
C CYS B 104 -23.14 -23.49 -13.68
N GLU B 105 -22.69 -22.98 -14.81
CA GLU B 105 -21.70 -23.68 -15.60
C GLU B 105 -20.44 -22.82 -15.49
N VAL B 106 -19.43 -23.35 -14.80
CA VAL B 106 -18.18 -22.62 -14.62
C VAL B 106 -17.49 -22.55 -15.97
N ASP B 107 -17.13 -21.34 -16.40
CA ASP B 107 -16.49 -21.13 -17.68
C ASP B 107 -14.97 -21.19 -17.65
N LEU B 108 -14.36 -20.67 -16.57
CA LEU B 108 -12.90 -20.71 -16.48
C LEU B 108 -12.46 -20.61 -15.03
N VAL B 109 -11.36 -21.28 -14.73
CA VAL B 109 -10.79 -21.32 -13.39
C VAL B 109 -9.31 -21.02 -13.43
N ILE B 110 -8.91 -19.92 -12.81
CA ILE B 110 -7.50 -19.53 -12.76
C ILE B 110 -6.98 -20.00 -11.41
N SER B 111 -5.88 -20.74 -11.43
CA SER B 111 -5.27 -21.25 -10.20
C SER B 111 -3.90 -20.60 -10.05
N LEU B 112 -3.72 -19.84 -8.97
CA LEU B 112 -2.45 -19.16 -8.72
C LEU B 112 -1.58 -19.94 -7.74
N ASN B 113 -0.29 -20.06 -8.07
CA ASN B 113 0.63 -20.84 -7.24
C ASN B 113 1.83 -20.06 -6.75
N ILE B 114 2.06 -20.11 -5.45
CA ILE B 114 3.19 -19.40 -4.84
C ILE B 114 4.49 -20.11 -5.24
N ARG B 122 5.86 -16.82 4.80
CA ARG B 122 4.52 -17.42 5.00
C ARG B 122 3.44 -16.35 5.22
N LEU B 123 2.95 -15.76 4.14
CA LEU B 123 1.93 -14.71 4.25
C LEU B 123 0.54 -15.20 4.61
N SER B 124 -0.22 -14.37 5.31
CA SER B 124 -1.58 -14.72 5.71
C SER B 124 -2.56 -13.86 4.89
N ARG B 125 -3.86 -14.01 5.18
CA ARG B 125 -4.89 -13.26 4.49
C ARG B 125 -5.32 -12.05 5.34
N ARG B 126 -4.45 -11.65 6.26
CA ARG B 126 -4.68 -10.50 7.13
C ARG B 126 -3.83 -9.30 6.70
N TRP B 127 -4.49 -8.21 6.33
CA TRP B 127 -3.81 -7.00 5.89
C TRP B 127 -4.08 -5.89 6.89
N ILE B 128 -3.02 -5.36 7.48
CA ILE B 128 -3.18 -4.34 8.48
C ILE B 128 -2.70 -2.96 8.05
N HIS B 129 -3.39 -1.95 8.58
CA HIS B 129 -3.06 -0.56 8.37
C HIS B 129 -2.31 -0.19 9.65
N PRO B 130 -0.96 -0.29 9.61
CA PRO B 130 -0.09 0.02 10.75
C PRO B 130 -0.42 1.25 11.61
N PRO B 131 -0.66 2.42 10.97
CA PRO B 131 -0.97 3.62 11.75
C PRO B 131 -2.17 3.50 12.71
N SER B 132 -3.19 2.75 12.32
CA SER B 132 -4.38 2.61 13.16
C SER B 132 -4.53 1.22 13.81
N GLY B 133 -3.90 0.21 13.21
CA GLY B 133 -4.03 -1.13 13.76
C GLY B 133 -5.23 -1.85 13.15
N ARG B 134 -5.90 -1.21 12.19
CA ARG B 134 -7.04 -1.83 11.53
C ARG B 134 -6.58 -3.06 10.76
N VAL B 135 -7.27 -4.16 10.97
CA VAL B 135 -6.94 -5.41 10.31
C VAL B 135 -8.06 -5.80 9.37
N TYR B 136 -7.70 -6.06 8.11
CA TYR B 136 -8.68 -6.47 7.11
C TYR B 136 -8.38 -7.92 6.76
N ASN B 137 -9.20 -8.85 7.25
CA ASN B 137 -9.02 -10.25 6.94
C ASN B 137 -9.85 -10.50 5.68
N LEU B 138 -9.19 -10.88 4.60
CA LEU B 138 -9.91 -11.09 3.35
C LEU B 138 -11.04 -12.13 3.38
N ASP B 139 -11.06 -12.99 4.41
CA ASP B 139 -12.12 -13.97 4.50
C ASP B 139 -13.40 -13.45 5.15
N PHE B 140 -13.34 -12.29 5.79
CA PHE B 140 -14.59 -11.77 6.35
C PHE B 140 -14.79 -10.25 6.32
N ASN B 141 -13.71 -9.49 6.14
CA ASN B 141 -13.85 -8.03 6.06
C ASN B 141 -12.78 -7.37 5.19
N PRO B 142 -12.76 -7.70 3.89
CA PRO B 142 -11.79 -7.13 2.94
C PRO B 142 -11.99 -5.63 2.76
N PRO B 143 -10.92 -4.91 2.37
CA PRO B 143 -10.98 -3.46 2.15
C PRO B 143 -11.72 -3.18 0.85
N HIS B 144 -12.20 -1.94 0.66
CA HIS B 144 -12.89 -1.62 -0.57
C HIS B 144 -11.92 -1.81 -1.74
N VAL B 145 -10.70 -1.30 -1.59
CA VAL B 145 -9.66 -1.43 -2.61
C VAL B 145 -8.51 -2.30 -2.05
N HIS B 146 -8.18 -3.37 -2.77
CA HIS B 146 -7.13 -4.30 -2.35
C HIS B 146 -5.82 -3.63 -1.89
N GLY B 147 -5.32 -4.08 -0.74
CA GLY B 147 -4.08 -3.53 -0.20
C GLY B 147 -4.14 -2.09 0.25
N ILE B 148 -5.35 -1.52 0.34
CA ILE B 148 -5.52 -0.12 0.73
C ILE B 148 -6.51 0.06 1.88
N ASP B 149 -6.15 0.95 2.81
CA ASP B 149 -6.99 1.24 3.97
C ASP B 149 -8.20 2.07 3.56
N ASP B 150 -9.39 1.58 3.86
CA ASP B 150 -10.62 2.29 3.50
C ASP B 150 -10.64 3.74 3.97
N VAL B 151 -10.33 3.93 5.25
CA VAL B 151 -10.37 5.24 5.90
C VAL B 151 -9.39 6.31 5.44
N THR B 152 -8.10 5.97 5.43
CA THR B 152 -7.06 6.93 5.07
C THR B 152 -6.52 6.82 3.66
N GLY B 153 -6.83 5.72 2.98
CA GLY B 153 -6.32 5.55 1.64
C GLY B 153 -4.84 5.19 1.69
N GLU B 154 -4.32 4.97 2.89
CA GLU B 154 -2.91 4.62 3.02
C GLU B 154 -2.74 3.11 2.81
N PRO B 155 -1.56 2.71 2.31
CA PRO B 155 -1.28 1.28 2.05
C PRO B 155 -1.34 0.34 3.26
N LEU B 156 -1.73 -0.90 3.01
CA LEU B 156 -1.81 -1.91 4.05
C LEU B 156 -0.56 -2.78 4.02
N VAL B 157 -0.37 -3.59 5.05
CA VAL B 157 0.76 -4.50 5.11
C VAL B 157 0.21 -5.92 5.35
N GLN B 158 0.52 -6.83 4.43
CA GLN B 158 0.07 -8.21 4.57
C GLN B 158 0.86 -8.84 5.73
N GLN B 159 0.15 -9.42 6.68
CA GLN B 159 0.81 -10.03 7.83
C GLN B 159 1.30 -11.46 7.62
N GLU B 160 2.54 -11.69 8.03
CA GLU B 160 3.18 -13.00 7.94
C GLU B 160 2.32 -13.98 8.73
N ASP B 161 2.43 -15.26 8.40
CA ASP B 161 1.64 -16.29 9.07
C ASP B 161 2.16 -16.58 10.47
N ASP B 162 3.45 -16.33 10.69
CA ASP B 162 4.10 -16.55 11.98
C ASP B 162 3.36 -15.92 13.15
N ALA B 178 -7.78 -27.27 -2.57
CA ALA B 178 -7.82 -28.71 -2.48
C ALA B 178 -7.50 -29.36 -3.84
N LYS B 179 -6.61 -30.35 -3.82
CA LYS B 179 -6.21 -31.05 -5.04
C LYS B 179 -7.41 -31.54 -5.86
N PRO B 180 -8.39 -32.19 -5.21
CA PRO B 180 -9.57 -32.69 -5.94
C PRO B 180 -10.38 -31.60 -6.67
N VAL B 181 -10.32 -30.38 -6.18
CA VAL B 181 -11.04 -29.28 -6.84
C VAL B 181 -10.29 -28.92 -8.12
N ILE B 182 -8.97 -28.98 -8.06
CA ILE B 182 -8.13 -28.69 -9.23
C ILE B 182 -8.39 -29.79 -10.25
N GLU B 183 -8.30 -31.03 -9.80
CA GLU B 183 -8.53 -32.17 -10.68
C GLU B 183 -9.88 -32.07 -11.37
N LEU B 184 -10.91 -31.75 -10.59
CA LEU B 184 -12.25 -31.62 -11.13
C LEU B 184 -12.26 -30.69 -12.35
N TYR B 185 -11.81 -29.44 -12.14
CA TYR B 185 -11.78 -28.44 -13.20
C TYR B 185 -10.78 -28.77 -14.30
N LYS B 186 -9.72 -29.47 -13.93
CA LYS B 186 -8.68 -29.85 -14.87
C LYS B 186 -9.31 -30.81 -15.88
N SER B 187 -10.21 -31.65 -15.39
CA SER B 187 -10.92 -32.62 -16.21
C SER B 187 -11.89 -31.94 -17.15
N ARG B 188 -12.64 -30.96 -16.64
CA ARG B 188 -13.59 -30.22 -17.47
C ARG B 188 -12.80 -29.46 -18.52
N GLY B 189 -11.49 -29.37 -18.29
CA GLY B 189 -10.63 -28.64 -19.20
C GLY B 189 -10.87 -27.14 -19.17
N VAL B 190 -11.27 -26.61 -18.02
CA VAL B 190 -11.50 -25.16 -17.89
C VAL B 190 -10.47 -24.53 -16.96
N LEU B 191 -9.56 -25.36 -16.48
CA LEU B 191 -8.51 -24.90 -15.58
C LEU B 191 -7.30 -24.27 -16.29
N HIS B 192 -6.78 -23.23 -15.69
CA HIS B 192 -5.61 -22.53 -16.23
C HIS B 192 -4.73 -22.23 -15.03
N GLN B 193 -3.66 -22.99 -14.87
CA GLN B 193 -2.74 -22.81 -13.76
C GLN B 193 -1.62 -21.85 -14.11
N PHE B 194 -1.36 -20.92 -13.18
CA PHE B 194 -0.34 -19.89 -13.34
C PHE B 194 0.45 -19.60 -12.08
N SER B 195 1.65 -19.05 -12.28
CA SER B 195 2.53 -18.68 -11.19
C SER B 195 1.94 -17.51 -10.41
N GLY B 196 1.91 -17.63 -9.09
CA GLY B 196 1.40 -16.56 -8.27
C GLY B 196 2.52 -15.66 -7.76
N THR B 197 3.71 -15.81 -8.36
CA THR B 197 4.87 -15.02 -8.00
C THR B 197 5.02 -13.83 -8.96
N GLU B 198 5.29 -14.14 -10.22
CA GLU B 198 5.46 -13.11 -11.26
C GLU B 198 4.08 -12.68 -11.80
N THR B 199 3.45 -11.73 -11.12
CA THR B 199 2.12 -11.29 -11.54
C THR B 199 2.03 -10.57 -12.87
N ASN B 200 2.98 -9.69 -13.15
CA ASN B 200 2.94 -9.00 -14.43
C ASN B 200 3.12 -10.01 -15.55
N LYS B 201 4.03 -10.97 -15.31
CA LYS B 201 4.34 -12.01 -16.28
C LYS B 201 3.09 -12.74 -16.77
N ILE B 202 2.23 -13.12 -15.83
CA ILE B 202 1.02 -13.86 -16.20
C ILE B 202 -0.19 -13.00 -16.58
N TRP B 203 -0.20 -11.76 -16.14
CA TRP B 203 -1.31 -10.87 -16.45
C TRP B 203 -1.79 -10.90 -17.92
N PRO B 204 -0.88 -10.68 -18.89
CA PRO B 204 -1.37 -10.71 -20.28
C PRO B 204 -2.10 -12.01 -20.67
N TYR B 205 -1.67 -13.12 -20.07
CA TYR B 205 -2.31 -14.40 -20.35
C TYR B 205 -3.72 -14.42 -19.77
N VAL B 206 -3.85 -13.86 -18.57
CA VAL B 206 -5.13 -13.80 -17.89
C VAL B 206 -6.05 -12.81 -18.61
N TYR B 207 -5.45 -11.75 -19.11
CA TYR B 207 -6.18 -10.73 -19.82
C TYR B 207 -6.80 -11.35 -21.07
N THR B 208 -5.99 -12.11 -21.80
CA THR B 208 -6.45 -12.75 -23.01
C THR B 208 -7.59 -13.73 -22.71
N LEU B 209 -7.44 -14.50 -21.64
CA LEU B 209 -8.48 -15.46 -21.30
C LEU B 209 -9.83 -14.78 -21.08
N PHE B 210 -9.82 -13.65 -20.37
CA PHE B 210 -11.07 -12.93 -20.12
C PHE B 210 -11.54 -12.21 -21.34
N SER B 211 -10.59 -11.70 -22.12
CA SER B 211 -10.88 -10.98 -23.34
C SER B 211 -11.63 -11.84 -24.36
N ASN B 212 -11.35 -13.14 -24.38
CA ASN B 212 -12.04 -14.02 -25.31
C ASN B 212 -13.51 -14.19 -24.93
N LYS B 213 -13.88 -13.78 -23.73
CA LYS B 213 -15.26 -13.93 -23.28
C LYS B 213 -15.97 -12.62 -22.93
N ILE B 214 -15.22 -11.63 -22.49
CA ILE B 214 -15.78 -10.33 -22.12
C ILE B 214 -14.93 -9.25 -22.78
N THR B 215 -15.58 -8.29 -23.42
CA THR B 215 -14.86 -7.22 -24.09
C THR B 215 -14.22 -6.22 -23.11
N PRO B 216 -12.91 -5.91 -23.29
CA PRO B 216 -12.27 -4.95 -22.38
C PRO B 216 -13.16 -3.69 -22.37
N ILE B 217 -13.52 -3.25 -21.18
CA ILE B 217 -14.42 -2.11 -21.04
C ILE B 217 -13.90 -0.76 -21.50
N GLN B 218 -12.59 -0.57 -21.61
CA GLN B 218 -12.08 0.73 -22.06
C GLN B 218 -12.05 0.89 -23.57
N SER B 219 -12.38 -0.18 -24.30
CA SER B 219 -12.37 -0.14 -25.77
C SER B 219 -13.81 0.02 -26.30
N LYS B 220 -14.77 0.03 -25.39
CA LYS B 220 -16.17 0.11 -25.77
C LYS B 220 -16.79 1.49 -25.79
N GLU B 221 -17.90 1.60 -26.50
CA GLU B 221 -18.65 2.85 -26.58
C GLU B 221 -19.10 3.20 -25.14
N ALA B 222 -19.54 2.19 -24.42
CA ALA B 222 -19.96 2.35 -23.02
C ALA B 222 -18.63 2.29 -22.25
N TYR B 223 -17.85 3.35 -22.41
CA TYR B 223 -16.54 3.47 -21.82
C TYR B 223 -16.45 3.22 -20.32
N LEU B 224 -15.68 2.21 -19.94
CA LEU B 224 -15.47 1.87 -18.54
C LEU B 224 -16.74 1.50 -17.77
N GLU B 225 -17.83 1.25 -18.49
CA GLU B 225 -19.06 0.90 -17.83
C GLU B 225 -19.06 -0.57 -17.41
N HIS B 226 -19.29 -0.83 -16.13
CA HIS B 226 -19.33 -2.19 -15.60
C HIS B 226 -20.66 -2.84 -15.97
N HIS B 227 -20.68 -4.16 -15.95
CA HIS B 227 -21.89 -4.91 -16.27
C HIS B 227 -22.96 -4.79 -15.20
N HIS B 228 -22.54 -4.54 -13.96
CA HIS B 228 -23.47 -4.38 -12.86
C HIS B 228 -23.74 -2.89 -12.58
N HIS B 229 -23.96 -2.11 -13.65
CA HIS B 229 -24.21 -0.68 -13.49
C HIS B 229 -25.48 -0.19 -14.17
N HIS B 230 -26.38 0.37 -13.37
CA HIS B 230 -27.63 0.93 -13.87
C HIS B 230 -27.63 2.38 -13.39
N HIS B 231 -27.52 3.31 -14.32
CA HIS B 231 -27.51 4.72 -13.96
C HIS B 231 -28.85 5.13 -13.35
S SO4 C . 9.35 4.36 7.54
O1 SO4 C . 10.14 3.21 7.03
O2 SO4 C . 10.16 5.17 8.46
O3 SO4 C . 8.93 5.19 6.41
O4 SO4 C . 8.17 3.83 8.25
S SO4 D . 16.10 31.43 8.24
O1 SO4 D . 15.09 31.81 7.23
O2 SO4 D . 17.30 30.91 7.56
O3 SO4 D . 16.48 32.60 9.04
O4 SO4 D . 15.53 30.39 9.13
S SO4 E . -6.56 32.41 4.37
O1 SO4 E . -6.34 31.57 3.16
O2 SO4 E . -5.65 31.97 5.45
O3 SO4 E . -6.29 33.81 4.04
O4 SO4 E . -7.96 32.27 4.84
S SO4 F . 25.76 20.36 -13.02
O1 SO4 F . 25.24 19.36 -13.98
O2 SO4 F . 26.06 21.62 -13.74
O3 SO4 F . 24.73 20.62 -11.99
O4 SO4 F . 26.98 19.84 -12.39
S SO4 G . -2.72 -12.68 -2.28
O1 SO4 G . -2.49 -12.76 -0.83
O2 SO4 G . -3.02 -14.02 -2.79
O3 SO4 G . -3.89 -11.80 -2.53
O4 SO4 G . -1.52 -12.13 -2.92
S SO4 H . -25.02 -20.88 -16.66
O1 SO4 H . -25.62 -21.68 -15.56
O2 SO4 H . -25.74 -19.60 -16.79
O3 SO4 H . -23.60 -20.63 -16.33
O4 SO4 H . -25.10 -21.63 -17.92
S SO4 I . -20.18 -1.25 -26.90
O1 SO4 I . -20.41 -0.59 -25.58
O2 SO4 I . -20.49 -2.69 -26.82
O3 SO4 I . -21.06 -0.61 -27.91
O4 SO4 I . -18.78 -1.08 -27.32
S SO4 J . -32.25 -12.54 7.02
O1 SO4 J . -31.87 -12.26 8.42
O2 SO4 J . -33.69 -12.30 6.85
O3 SO4 J . -31.49 -11.65 6.13
O4 SO4 J . -31.93 -13.95 6.71
#